data_1OO4
#
_entry.id   1OO4
#
_cell.length_a   1.000
_cell.length_b   1.000
_cell.length_c   1.000
_cell.angle_alpha   90.00
_cell.angle_beta   90.00
_cell.angle_gamma   90.00
#
_symmetry.space_group_name_H-M   'P 1'
#
loop_
_entity.id
_entity.type
_entity.pdbx_description
1 polymer 'Phosphatidylinositol 3-kinase regulatory alpha subunit'
2 polymer '8-mer peptide from PDGFr'
#
loop_
_entity_poly.entity_id
_entity_poly.type
_entity_poly.pdbx_seq_one_letter_code
_entity_poly.pdbx_strand_id
1 'polypeptide(L)'
;GMNNNMSLQDAEWYWGDISREEVNEKLRDTADGTFLVRDASTKMHGDYTLTLRKGGNNKSIKIFHRDGKYGFSDSLTFNS
VVELINHYRNESLAQYNPKLDVKLLYPVSKY
;
A
2 'polypeptide(L)' SVD(PTR)VPML B
#
# COMPACT_ATOMS: atom_id res chain seq x y z
N GLY A 1 -13.12 4.73 6.04
CA GLY A 1 -12.96 3.69 7.08
C GLY A 1 -12.53 4.16 8.49
N MET A 2 -13.23 5.15 9.05
CA MET A 2 -13.11 5.56 10.48
C MET A 2 -14.39 6.35 10.88
N ASN A 3 -14.58 7.58 10.37
CA ASN A 3 -15.87 8.32 10.41
C ASN A 3 -16.56 8.31 8.99
N ASN A 4 -17.76 8.91 8.88
CA ASN A 4 -18.58 8.90 7.63
C ASN A 4 -18.05 9.87 6.52
N ASN A 5 -16.93 9.48 5.90
CA ASN A 5 -16.28 10.23 4.78
C ASN A 5 -15.56 9.28 3.75
N MET A 6 -14.76 8.28 4.19
CA MET A 6 -14.27 7.14 3.34
C MET A 6 -13.25 7.54 2.21
N SER A 7 -11.98 7.81 2.58
CA SER A 7 -10.85 7.95 1.61
C SER A 7 -9.47 7.92 2.35
N LEU A 8 -8.91 6.71 2.54
CA LEU A 8 -7.44 6.49 2.73
C LEU A 8 -7.12 4.97 2.62
N GLN A 9 -7.47 4.16 3.64
CA GLN A 9 -7.60 2.69 3.50
C GLN A 9 -8.58 2.18 2.38
N ASP A 10 -9.70 2.89 2.19
CA ASP A 10 -10.66 2.69 1.08
C ASP A 10 -10.75 4.00 0.22
N ALA A 11 -9.73 4.25 -0.61
CA ALA A 11 -9.68 5.45 -1.49
C ALA A 11 -10.26 5.17 -2.92
N GLU A 12 -9.43 5.08 -3.98
CA GLU A 12 -9.93 4.90 -5.39
C GLU A 12 -9.94 3.39 -5.77
N TRP A 13 -8.77 2.80 -6.08
CA TRP A 13 -8.58 1.33 -6.20
C TRP A 13 -8.44 0.50 -4.88
N TYR A 14 -8.60 1.09 -3.68
CA TYR A 14 -8.17 0.44 -2.41
C TYR A 14 -9.28 -0.49 -1.83
N TRP A 15 -9.35 -1.71 -2.38
CA TRP A 15 -10.42 -2.68 -2.09
C TRP A 15 -10.15 -3.66 -0.90
N GLY A 16 -9.10 -4.51 -0.93
CA GLY A 16 -8.92 -5.60 0.06
C GLY A 16 -9.90 -6.79 -0.01
N ASP A 17 -10.08 -7.37 -1.21
CA ASP A 17 -10.73 -8.70 -1.39
C ASP A 17 -9.90 -9.59 -2.37
N ILE A 18 -8.65 -9.86 -1.97
CA ILE A 18 -7.66 -10.67 -2.74
C ILE A 18 -6.71 -11.30 -1.67
N SER A 19 -6.70 -12.64 -1.66
CA SER A 19 -5.86 -13.44 -0.72
C SER A 19 -4.64 -14.12 -1.40
N ARG A 20 -3.94 -15.00 -0.66
CA ARG A 20 -2.51 -15.37 -0.95
C ARG A 20 -2.25 -16.00 -2.36
N GLU A 21 -2.98 -17.07 -2.70
CA GLU A 21 -2.93 -17.68 -4.06
C GLU A 21 -3.54 -16.83 -5.21
N GLU A 22 -4.70 -16.19 -4.98
CA GLU A 22 -5.37 -15.31 -5.98
C GLU A 22 -4.66 -13.94 -6.25
N VAL A 23 -3.98 -13.31 -5.27
CA VAL A 23 -2.96 -12.25 -5.55
C VAL A 23 -1.74 -12.80 -6.39
N ASN A 24 -1.01 -13.86 -5.97
CA ASN A 24 0.04 -14.52 -6.81
C ASN A 24 -0.27 -14.85 -8.31
N GLU A 25 -1.48 -15.33 -8.64
CA GLU A 25 -1.95 -15.54 -10.05
C GLU A 25 -1.84 -14.34 -11.06
N LYS A 26 -1.73 -13.07 -10.58
CA LYS A 26 -1.46 -11.90 -11.46
C LYS A 26 -0.48 -10.94 -10.73
N LEU A 27 0.81 -11.35 -10.55
CA LEU A 27 1.73 -10.66 -9.59
C LEU A 27 3.24 -10.96 -9.89
N ARG A 28 3.90 -11.78 -9.05
CA ARG A 28 5.39 -11.76 -8.85
C ARG A 28 6.35 -12.15 -10.02
N ASP A 29 5.84 -12.70 -11.12
CA ASP A 29 6.61 -12.92 -12.37
C ASP A 29 6.86 -11.62 -13.21
N THR A 30 5.79 -10.87 -13.48
CA THR A 30 5.86 -9.48 -14.02
C THR A 30 6.20 -8.35 -12.97
N ALA A 31 5.76 -8.47 -11.70
CA ALA A 31 5.73 -7.32 -10.76
C ALA A 31 7.13 -6.76 -10.34
N ASP A 32 7.36 -5.49 -10.68
CA ASP A 32 8.61 -4.76 -10.31
C ASP A 32 8.34 -3.36 -9.64
N GLY A 33 7.32 -3.25 -8.75
CA GLY A 33 6.75 -1.94 -8.30
C GLY A 33 5.24 -1.65 -8.52
N THR A 34 4.45 -2.58 -9.11
CA THR A 34 2.95 -2.53 -9.07
C THR A 34 2.36 -2.57 -7.63
N PHE A 35 1.52 -1.57 -7.24
CA PHE A 35 0.97 -1.48 -5.85
C PHE A 35 -0.58 -1.64 -5.80
N LEU A 36 -1.08 -2.58 -4.97
CA LEU A 36 -2.44 -3.14 -5.07
C LEU A 36 -2.95 -3.62 -3.67
N VAL A 37 -4.27 -3.59 -3.41
CA VAL A 37 -4.77 -3.57 -1.99
C VAL A 37 -5.26 -4.97 -1.55
N ARG A 38 -4.47 -5.62 -0.67
CA ARG A 38 -4.59 -7.08 -0.39
C ARG A 38 -5.33 -7.37 0.96
N ASP A 39 -6.26 -8.33 0.97
CA ASP A 39 -6.87 -8.84 2.24
C ASP A 39 -5.86 -9.66 3.12
N ALA A 40 -5.70 -9.27 4.41
CA ALA A 40 -5.03 -10.13 5.43
C ALA A 40 -5.97 -10.85 6.44
N SER A 41 -5.42 -11.87 7.14
CA SER A 41 -6.02 -12.45 8.37
C SER A 41 -4.85 -12.96 9.27
N THR A 42 -4.62 -12.30 10.42
CA THR A 42 -3.45 -12.63 11.32
C THR A 42 -3.79 -12.23 12.77
N LYS A 43 -3.91 -10.92 13.09
CA LYS A 43 -4.60 -10.47 14.34
C LYS A 43 -6.16 -10.49 14.11
N MET A 44 -6.75 -11.70 14.18
CA MET A 44 -8.11 -12.02 13.68
C MET A 44 -8.27 -11.82 12.13
N HIS A 45 -8.88 -10.72 11.66
CA HIS A 45 -9.11 -10.45 10.21
C HIS A 45 -8.60 -9.01 9.87
N GLY A 46 -7.56 -8.93 9.01
CA GLY A 46 -6.94 -7.64 8.62
C GLY A 46 -7.30 -7.18 7.20
N ASP A 47 -8.53 -6.73 6.96
CA ASP A 47 -9.04 -6.40 5.60
C ASP A 47 -8.20 -5.37 4.75
N TYR A 48 -7.66 -4.32 5.39
CA TYR A 48 -6.92 -3.22 4.70
C TYR A 48 -5.37 -3.19 4.98
N THR A 49 -4.64 -4.24 4.58
CA THR A 49 -3.20 -4.09 4.23
C THR A 49 -3.06 -3.79 2.70
N LEU A 50 -2.04 -3.04 2.29
CA LEU A 50 -1.67 -2.91 0.87
C LEU A 50 -0.49 -3.86 0.54
N THR A 51 -0.45 -4.41 -0.69
CA THR A 51 0.70 -5.23 -1.15
C THR A 51 1.24 -4.66 -2.49
N LEU A 52 2.52 -4.27 -2.50
CA LEU A 52 3.31 -4.17 -3.75
C LEU A 52 4.33 -5.34 -3.80
N ARG A 53 4.57 -5.90 -4.98
CA ARG A 53 5.66 -6.90 -5.15
C ARG A 53 6.75 -6.35 -6.12
N LYS A 54 8.00 -6.41 -5.67
CA LYS A 54 9.20 -6.30 -6.53
C LYS A 54 9.78 -7.74 -6.70
N GLY A 55 10.01 -8.20 -7.95
CA GLY A 55 10.53 -9.57 -8.23
C GLY A 55 11.99 -9.86 -7.77
N GLY A 56 12.10 -10.16 -6.48
CA GLY A 56 13.38 -10.12 -5.73
C GLY A 56 13.08 -10.03 -4.23
N ASN A 57 12.87 -8.81 -3.72
CA ASN A 57 12.21 -8.59 -2.41
C ASN A 57 10.68 -8.37 -2.62
N ASN A 58 9.90 -9.43 -2.41
CA ASN A 58 8.43 -9.42 -2.57
C ASN A 58 7.80 -9.20 -1.16
N LYS A 59 7.20 -8.03 -0.90
CA LYS A 59 7.04 -7.51 0.48
C LYS A 59 5.85 -6.49 0.59
N SER A 60 4.81 -6.90 1.33
CA SER A 60 3.63 -6.05 1.66
C SER A 60 3.89 -4.77 2.54
N ILE A 61 2.84 -3.93 2.72
CA ILE A 61 2.97 -2.52 3.19
C ILE A 61 1.63 -2.08 3.89
N LYS A 62 1.67 -1.70 5.19
CA LYS A 62 0.46 -1.22 5.93
C LYS A 62 -0.09 0.18 5.47
N ILE A 63 -1.41 0.38 5.59
CA ILE A 63 -2.05 1.73 5.43
C ILE A 63 -2.41 2.26 6.85
N PHE A 64 -3.68 2.16 7.33
CA PHE A 64 -4.24 3.00 8.45
C PHE A 64 -5.06 4.21 7.88
N HIS A 65 -6.33 4.42 8.29
CA HIS A 65 -7.14 5.57 7.85
C HIS A 65 -6.62 6.96 8.38
N ARG A 66 -5.81 7.66 7.56
CA ARG A 66 -5.43 9.10 7.77
C ARG A 66 -4.47 9.38 8.99
N ASP A 67 -3.28 8.76 9.01
CA ASP A 67 -2.35 8.82 10.18
C ASP A 67 -0.86 8.78 9.68
N GLY A 68 -0.28 9.96 9.40
CA GLY A 68 1.07 10.05 8.77
C GLY A 68 1.63 11.47 8.58
N LYS A 69 0.82 12.40 8.04
CA LYS A 69 1.04 13.87 8.18
C LYS A 69 2.20 14.44 7.31
N TYR A 70 1.94 14.67 5.99
CA TYR A 70 3.00 15.10 5.04
C TYR A 70 2.51 16.25 4.12
N GLY A 71 2.88 17.49 4.47
CA GLY A 71 2.50 18.69 3.68
C GLY A 71 2.47 20.00 4.51
N PHE A 72 2.22 21.13 3.80
CA PHE A 72 2.28 22.49 4.39
C PHE A 72 1.12 22.78 5.41
N SER A 73 1.36 22.45 6.70
CA SER A 73 0.26 22.20 7.66
C SER A 73 0.01 23.42 8.62
N ASP A 74 -0.64 24.47 8.10
CA ASP A 74 -1.04 25.67 8.90
C ASP A 74 -2.59 25.82 8.90
N SER A 75 -3.19 26.31 7.79
CA SER A 75 -4.67 26.46 7.66
C SER A 75 -5.38 25.11 7.30
N LEU A 76 -5.00 24.45 6.19
CA LEU A 76 -5.38 23.04 5.92
C LEU A 76 -4.25 22.11 6.45
N THR A 77 -4.47 21.47 7.61
CA THR A 77 -3.50 20.54 8.23
C THR A 77 -3.56 19.11 7.60
N PHE A 78 -2.38 18.48 7.40
CA PHE A 78 -2.25 17.21 6.64
C PHE A 78 -2.25 16.01 7.63
N ASN A 79 -3.02 14.96 7.32
CA ASN A 79 -2.95 13.67 8.06
C ASN A 79 -3.17 12.52 7.05
N SER A 80 -2.10 12.00 6.40
CA SER A 80 -2.24 10.89 5.45
C SER A 80 -0.95 10.02 5.45
N VAL A 81 -1.11 8.77 5.92
CA VAL A 81 -0.08 7.71 5.78
C VAL A 81 0.44 7.45 4.32
N VAL A 82 -0.42 7.47 3.30
CA VAL A 82 0.04 7.45 1.88
C VAL A 82 0.84 8.71 1.40
N GLU A 83 0.66 9.95 1.91
CA GLU A 83 1.43 11.13 1.39
C GLU A 83 2.97 11.09 1.63
N LEU A 84 3.42 10.69 2.83
CA LEU A 84 4.84 10.22 3.03
C LEU A 84 5.30 9.06 2.09
N ILE A 85 4.46 8.02 1.89
CA ILE A 85 4.79 6.86 1.01
C ILE A 85 4.79 7.27 -0.52
N ASN A 86 3.73 7.94 -1.02
CA ASN A 86 3.62 8.51 -2.39
C ASN A 86 4.77 9.45 -2.86
N HIS A 87 5.30 10.35 -2.01
CA HIS A 87 6.62 11.01 -2.23
C HIS A 87 7.81 10.06 -2.65
N TYR A 88 7.98 8.92 -1.99
CA TYR A 88 8.99 7.88 -2.35
C TYR A 88 8.53 6.79 -3.39
N ARG A 89 7.22 6.57 -3.64
CA ARG A 89 6.70 5.95 -4.90
C ARG A 89 6.87 6.85 -6.18
N ASN A 90 7.00 8.17 -6.04
CA ASN A 90 7.54 9.07 -7.10
C ASN A 90 9.04 8.83 -7.56
N GLU A 91 9.82 8.02 -6.84
CA GLU A 91 11.27 7.80 -7.12
C GLU A 91 11.70 6.38 -6.68
N SER A 92 12.16 6.21 -5.42
CA SER A 92 12.82 4.98 -4.95
C SER A 92 12.59 4.80 -3.41
N LEU A 93 11.75 3.84 -2.99
CA LEU A 93 11.52 3.54 -1.53
C LEU A 93 12.75 3.00 -0.70
N ALA A 94 13.81 2.45 -1.32
CA ALA A 94 15.12 2.27 -0.61
C ALA A 94 15.87 3.58 -0.16
N GLN A 95 15.65 4.74 -0.83
CA GLN A 95 16.02 6.07 -0.27
C GLN A 95 15.11 6.60 0.90
N TYR A 96 13.89 6.06 1.09
CA TYR A 96 13.14 6.20 2.37
C TYR A 96 13.82 5.43 3.55
N ASN A 97 13.84 4.08 3.48
CA ASN A 97 14.12 3.13 4.59
C ASN A 97 13.72 1.68 4.11
N PRO A 98 12.45 1.32 3.74
CA PRO A 98 12.12 -0.01 3.15
C PRO A 98 12.87 -0.40 1.84
N LYS A 99 13.65 -1.49 1.88
CA LYS A 99 14.45 -1.97 0.72
C LYS A 99 13.58 -2.63 -0.43
N LEU A 100 12.84 -1.76 -1.13
CA LEU A 100 12.12 -2.09 -2.39
C LEU A 100 12.88 -1.57 -3.65
N ASP A 101 13.30 -0.28 -3.66
CA ASP A 101 13.89 0.43 -4.85
C ASP A 101 12.96 0.48 -6.10
N VAL A 102 11.81 1.15 -5.97
CA VAL A 102 10.71 1.10 -6.99
C VAL A 102 10.01 2.49 -7.17
N LYS A 103 9.56 2.74 -8.41
CA LYS A 103 8.56 3.79 -8.72
C LYS A 103 7.13 3.16 -8.92
N LEU A 104 6.08 4.01 -8.90
CA LEU A 104 4.70 3.61 -9.33
C LEU A 104 4.63 3.14 -10.82
N LEU A 105 4.30 1.85 -11.01
CA LEU A 105 4.02 1.26 -12.35
C LEU A 105 2.49 1.28 -12.65
N TYR A 106 1.70 0.35 -12.07
CA TYR A 106 0.25 0.23 -12.34
C TYR A 106 -0.47 -0.54 -11.16
N PRO A 107 -1.63 -0.11 -10.60
CA PRO A 107 -2.40 -0.93 -9.62
C PRO A 107 -3.32 -2.00 -10.28
N VAL A 108 -3.36 -3.21 -9.68
CA VAL A 108 -4.32 -4.28 -10.08
C VAL A 108 -5.71 -3.98 -9.39
N SER A 109 -6.53 -3.15 -10.06
CA SER A 109 -7.78 -2.61 -9.47
C SER A 109 -9.01 -3.54 -9.74
N LYS A 110 -9.52 -4.21 -8.68
CA LYS A 110 -10.55 -5.27 -8.80
C LYS A 110 -10.14 -6.56 -9.61
N TYR A 111 -8.88 -7.02 -9.46
CA TYR A 111 -8.31 -8.22 -10.10
C TYR A 111 -8.34 -8.16 -11.65
N SER B 1 9.12 -13.00 -0.12
CA SER B 1 8.36 -13.50 1.05
C SER B 1 6.87 -13.08 0.94
N VAL B 2 6.06 -13.83 0.16
CA VAL B 2 4.68 -13.37 -0.22
C VAL B 2 3.62 -13.75 0.87
N ASP B 3 3.60 -12.96 1.95
CA ASP B 3 2.38 -12.75 2.79
C ASP B 3 2.37 -11.29 3.33
N VAL B 5 4.02 -7.93 5.75
CA VAL B 5 5.10 -7.14 6.41
C VAL B 5 4.47 -5.72 6.70
N PRO B 6 4.00 -5.33 7.92
CA PRO B 6 3.20 -4.09 8.11
C PRO B 6 4.03 -2.77 8.24
N MET B 7 4.42 -2.19 7.08
CA MET B 7 5.42 -1.06 7.06
C MET B 7 4.88 0.37 7.39
N LEU B 8 3.81 0.90 6.72
CA LEU B 8 3.33 2.32 6.90
C LEU B 8 4.33 3.38 6.36
#